data_5XZG
#
_entry.id   5XZG
#
_cell.length_a   85.562
_cell.length_b   98.430
_cell.length_c   130.372
_cell.angle_alpha   90.000
_cell.angle_beta   90.000
_cell.angle_gamma   90.000
#
_symmetry.space_group_name_H-M   'I 2 2 2'
#
loop_
_entity.id
_entity.type
_entity.pdbx_description
1 polymer 'Cyclic GMP-AMP synthase'
2 polymer "DNA (5'-D(*AP*AP*AP*TP*TP*GP*CP*CP*GP*AP*AP*GP*AP*CP*G)-3')"
3 polymer "DNA (5'-D(P*CP*GP*TP*CP*TP*TP*CP*GP*GP*CP*AP*AP*TP*T)-3')"
4 non-polymer 'ZINC ION'
5 non-polymer 2-(4,5-dichloro-1H-benzimidazol-2-yl)-5-methyl-4-[(1R)-3-oxo-1,3-dihydro-2-benzofuran-1-yl]-1,2-dihydro-3H-pyrazol-3-one
6 water water
#
loop_
_entity_poly.entity_id
_entity_poly.type
_entity_poly.pdbx_seq_one_letter_code
_entity_poly.pdbx_strand_id
1 'polypeptide(L)'
;SPDKLKKVLDKLRLKRKDISEAAETVNKVVERLLRRMQKRESEFKGVEQLNTGSYYEHVKISAPNEFDVMFKLEVPRIEL
QEYYETGAFYLVKFKRIPRGNPLSHFLEGEVLSATKMLSKFRKIIKEEVKEIKDIDVSVEKEKPGSPAVTLLIRNPEEIS
VDIILALESKGSWPISTKEGLPIQGWLGTKVRTNLRREPFYLVPKNAKDGNSFQGETWRLSFSHTEKYILNNHGIEKTCC
ESSGAKCCRKECLKLMKYLLEQLKKEFQELDAFCSYHVKTAIFHMWTQDPQDSQWDPRNLSSCFDKLLAFFLECLRTEKL
DHYFIPKFNLFSQELIDRKSKEFLSKKIEYERNNGFPIFDKL
;
A
2 'polydeoxyribonucleotide' (DA)(DA)(DA)(DT)(DT)(DG)(DC)(DC)(DG)(DA)(DA)(DG)(DA)(DC)(DG) E
3 'polydeoxyribonucleotide' (DC)(DG)(DT)(DC)(DT)(DT)(DC)(DG)(DG)(DC)(DA)(DA)(DT)(DT) F
#
# COMPACT_ATOMS: atom_id res chain seq x y z
N LYS A 4 6.51 -5.05 28.24
CA LYS A 4 5.16 -4.51 28.11
C LYS A 4 4.78 -4.39 26.63
N LEU A 5 5.48 -3.54 25.89
CA LEU A 5 5.33 -3.52 24.44
C LEU A 5 5.77 -4.86 23.87
N LYS A 6 6.75 -5.48 24.53
CA LYS A 6 7.20 -6.82 24.17
C LYS A 6 6.06 -7.82 24.25
N LYS A 7 5.32 -7.81 25.35
CA LYS A 7 4.14 -8.65 25.48
C LYS A 7 3.09 -8.32 24.44
N VAL A 8 2.93 -7.05 24.10
CA VAL A 8 2.00 -6.72 23.02
C VAL A 8 2.48 -7.30 21.69
N LEU A 9 3.76 -7.09 21.35
CA LEU A 9 4.34 -7.68 20.14
C LEU A 9 4.12 -9.19 20.07
N ASP A 10 4.24 -9.86 21.21
CA ASP A 10 3.96 -11.30 21.30
C ASP A 10 2.53 -11.65 20.87
N LYS A 11 1.58 -10.82 21.28
CA LYS A 11 0.19 -11.05 20.93
C LYS A 11 -0.06 -10.84 19.44
N LEU A 12 0.56 -9.80 18.87
CA LEU A 12 0.41 -9.44 17.46
C LEU A 12 1.09 -10.41 16.50
N ARG A 13 2.06 -11.17 17.00
CA ARG A 13 2.87 -12.02 16.14
C ARG A 13 1.99 -13.05 15.45
N LEU A 14 2.14 -13.23 14.15
CA LEU A 14 1.33 -14.24 13.45
C LEU A 14 1.76 -15.66 13.85
N LYS A 15 0.82 -16.60 13.83
CA LYS A 15 1.07 -18.01 14.19
C LYS A 15 1.28 -18.86 12.95
N ARG A 16 2.27 -19.76 12.98
CA ARG A 16 2.66 -20.44 11.76
C ARG A 16 1.54 -21.32 11.21
N LYS A 17 0.78 -21.95 12.09
CA LYS A 17 -0.35 -22.76 11.62
C LYS A 17 -1.42 -21.90 10.93
N ASP A 18 -1.67 -20.69 11.45
CA ASP A 18 -2.62 -19.77 10.82
C ASP A 18 -2.12 -19.33 9.45
N ILE A 19 -0.82 -19.05 9.39
CA ILE A 19 -0.18 -18.67 8.13
C ILE A 19 -0.31 -19.78 7.10
N SER A 20 0.00 -21.02 7.48
CA SER A 20 -0.06 -22.14 6.51
C SER A 20 -1.47 -22.32 5.94
N GLU A 21 -2.46 -22.31 6.82
CA GLU A 21 -3.85 -22.47 6.42
C GLU A 21 -4.32 -21.36 5.48
N ALA A 22 -3.99 -20.11 5.80
CA ALA A 22 -4.42 -18.98 4.97
C ALA A 22 -3.70 -18.96 3.62
N ALA A 23 -2.37 -19.14 3.65
CA ALA A 23 -1.57 -19.06 2.44
C ALA A 23 -2.00 -20.13 1.44
N GLU A 24 -2.22 -21.34 1.94
CA GLU A 24 -2.65 -22.43 1.06
C GLU A 24 -3.88 -22.00 0.25
N THR A 25 -4.89 -21.48 0.94
CA THR A 25 -6.14 -21.09 0.30
C THR A 25 -5.98 -19.87 -0.60
N VAL A 26 -5.34 -18.83 -0.09
CA VAL A 26 -5.09 -17.61 -0.89
C VAL A 26 -4.26 -17.93 -2.12
N ASN A 27 -3.21 -18.75 -1.98
CA ASN A 27 -2.40 -19.09 -3.14
C ASN A 27 -3.18 -19.84 -4.23
N LYS A 28 -4.04 -20.77 -3.83
CA LYS A 28 -4.91 -21.45 -4.78
C LYS A 28 -5.79 -20.49 -5.59
N VAL A 29 -6.49 -19.61 -4.89
CA VAL A 29 -7.43 -18.67 -5.54
C VAL A 29 -6.71 -17.67 -6.46
N VAL A 30 -5.62 -17.10 -5.98
CA VAL A 30 -4.90 -16.13 -6.81
C VAL A 30 -4.33 -16.79 -8.08
N GLU A 31 -3.72 -17.95 -7.93
CA GLU A 31 -3.11 -18.64 -9.08
C GLU A 31 -4.17 -18.95 -10.13
N ARG A 32 -5.38 -19.23 -9.69
CA ARG A 32 -6.46 -19.54 -10.63
C ARG A 32 -6.94 -18.28 -11.38
N LEU A 33 -7.02 -17.14 -10.69
CA LEU A 33 -7.39 -15.88 -11.35
C LEU A 33 -6.31 -15.44 -12.32
N LEU A 34 -5.04 -15.56 -11.91
CA LEU A 34 -3.92 -15.13 -12.76
C LEU A 34 -3.95 -15.94 -14.03
N ARG A 35 -4.22 -17.23 -13.91
CA ARG A 35 -4.31 -18.12 -15.06
C ARG A 35 -5.47 -17.69 -15.97
N ARG A 36 -6.63 -17.44 -15.37
CA ARG A 36 -7.81 -17.01 -16.12
C ARG A 36 -7.51 -15.75 -16.92
N MET A 37 -6.69 -14.88 -16.35
CA MET A 37 -6.31 -13.66 -17.03
C MET A 37 -5.41 -13.94 -18.25
N GLN A 38 -4.66 -15.04 -18.21
CA GLN A 38 -3.69 -15.37 -19.27
C GLN A 38 -4.36 -15.91 -20.51
N LYS A 39 -5.61 -16.31 -20.30
CA LYS A 39 -6.50 -16.77 -21.33
C LYS A 39 -6.48 -15.77 -22.49
N ARG A 40 -6.60 -16.25 -23.72
CA ARG A 40 -6.71 -15.41 -24.92
C ARG A 40 -7.93 -14.44 -24.83
N GLU A 41 -8.24 -13.69 -25.88
CA GLU A 41 -9.20 -12.59 -25.87
C GLU A 41 -8.86 -11.57 -24.78
N SER A 42 -8.76 -12.07 -23.53
CA SER A 42 -8.48 -11.26 -22.34
C SER A 42 -7.51 -10.14 -22.63
N GLU A 43 -7.99 -8.91 -22.42
CA GLU A 43 -7.19 -7.73 -22.67
C GLU A 43 -5.99 -7.68 -21.73
N PHE A 44 -6.02 -8.52 -20.71
CA PHE A 44 -4.98 -8.53 -19.67
C PHE A 44 -3.98 -9.68 -19.80
N LYS A 45 -3.89 -10.28 -20.98
CA LYS A 45 -3.16 -11.53 -21.15
C LYS A 45 -1.73 -11.58 -20.57
N GLY A 46 -0.94 -10.54 -20.76
CA GLY A 46 0.42 -10.59 -20.22
C GLY A 46 0.62 -10.24 -18.75
N VAL A 47 -0.43 -10.26 -17.94
CA VAL A 47 -0.26 -9.80 -16.55
C VAL A 47 0.59 -10.76 -15.74
N GLU A 48 1.42 -10.16 -14.89
CA GLU A 48 2.29 -10.91 -14.02
C GLU A 48 1.99 -10.50 -12.59
N GLN A 49 2.29 -11.39 -11.66
CA GLN A 49 1.91 -11.21 -10.27
C GLN A 49 3.02 -10.63 -9.43
N LEU A 50 2.67 -9.69 -8.57
CA LEU A 50 3.59 -9.11 -7.60
C LEU A 50 2.86 -9.08 -6.25
N ASN A 51 3.36 -9.81 -5.27
CA ASN A 51 2.72 -9.78 -3.96
C ASN A 51 3.21 -8.57 -3.15
N THR A 52 2.27 -7.84 -2.55
CA THR A 52 2.64 -6.57 -1.93
C THR A 52 1.97 -6.36 -0.58
N GLY A 53 2.35 -5.32 0.14
CA GLY A 53 1.61 -4.97 1.35
C GLY A 53 2.06 -5.69 2.63
N SER A 54 1.31 -5.47 3.71
CA SER A 54 1.77 -5.81 5.04
C SER A 54 2.22 -7.27 5.20
N TYR A 55 1.40 -8.19 4.71
CA TYR A 55 1.70 -9.61 4.88
C TYR A 55 3.04 -9.98 4.21
N TYR A 56 3.23 -9.56 2.97
CA TYR A 56 4.48 -9.87 2.26
C TYR A 56 5.67 -8.99 2.65
N GLU A 57 5.42 -7.93 3.43
CA GLU A 57 6.50 -7.14 4.01
C GLU A 57 6.80 -7.60 5.41
N HIS A 58 6.09 -8.63 5.86
CA HIS A 58 6.25 -9.16 7.23
C HIS A 58 5.91 -8.13 8.32
N VAL A 59 4.96 -7.24 8.06
CA VAL A 59 4.50 -6.34 9.12
C VAL A 59 2.98 -6.47 9.39
N LYS A 60 2.36 -7.50 8.81
CA LYS A 60 0.97 -7.83 9.12
C LYS A 60 0.85 -8.22 10.58
N ILE A 61 -0.20 -7.76 11.26
CA ILE A 61 -0.37 -8.07 12.68
C ILE A 61 -1.64 -8.86 13.00
N SER A 62 -1.61 -9.54 14.15
CA SER A 62 -2.78 -10.18 14.77
C SER A 62 -3.25 -11.45 14.07
N ALA A 63 -3.48 -11.37 12.77
CA ALA A 63 -4.00 -12.52 12.03
C ALA A 63 -3.68 -12.38 10.54
N PRO A 64 -3.36 -13.50 9.89
CA PRO A 64 -3.07 -13.44 8.45
C PRO A 64 -4.38 -13.43 7.65
N ASN A 65 -5.09 -12.30 7.69
CA ASN A 65 -6.45 -12.22 7.14
C ASN A 65 -6.62 -11.12 6.09
N GLU A 66 -5.50 -10.59 5.58
CA GLU A 66 -5.49 -9.54 4.55
C GLU A 66 -4.30 -9.77 3.63
N PHE A 67 -4.56 -9.94 2.35
CA PHE A 67 -3.49 -10.17 1.38
C PHE A 67 -3.64 -9.19 0.21
N ASP A 68 -2.55 -8.56 -0.18
CA ASP A 68 -2.54 -7.66 -1.35
C ASP A 68 -1.75 -8.28 -2.50
N VAL A 69 -2.34 -8.28 -3.69
CA VAL A 69 -1.68 -8.83 -4.88
C VAL A 69 -1.90 -7.92 -6.07
N MET A 70 -0.79 -7.45 -6.66
CA MET A 70 -0.83 -6.63 -7.86
C MET A 70 -0.70 -7.51 -9.12
N PHE A 71 -1.67 -7.38 -10.03
CA PHE A 71 -1.56 -7.97 -11.36
C PHE A 71 -1.02 -6.91 -12.30
N LYS A 72 0.28 -6.94 -12.57
CA LYS A 72 0.89 -5.85 -13.34
C LYS A 72 0.96 -6.15 -14.83
N LEU A 73 0.58 -5.16 -15.64
CA LEU A 73 0.56 -5.31 -17.09
C LEU A 73 1.49 -4.30 -17.75
N GLU A 74 2.51 -4.80 -18.42
CA GLU A 74 3.45 -3.93 -19.12
C GLU A 74 2.75 -3.35 -20.33
N VAL A 75 2.51 -2.04 -20.28
CA VAL A 75 1.93 -1.31 -21.39
C VAL A 75 2.96 -0.36 -21.96
N PRO A 76 3.58 -0.75 -23.08
CA PRO A 76 4.66 0.02 -23.70
C PRO A 76 4.19 1.36 -24.22
N ARG A 77 5.07 2.35 -24.11
CA ARG A 77 4.89 3.67 -24.68
C ARG A 77 3.55 4.34 -24.37
N ILE A 78 3.50 4.91 -23.17
CA ILE A 78 2.37 5.72 -22.81
C ILE A 78 2.85 7.11 -22.40
N GLU A 79 2.00 8.11 -22.63
CA GLU A 79 2.27 9.47 -22.17
C GLU A 79 1.45 9.78 -20.93
N LEU A 80 2.09 10.36 -19.92
CA LEU A 80 1.40 10.75 -18.71
C LEU A 80 1.10 12.25 -18.70
N GLN A 81 -0.11 12.60 -18.31
CA GLN A 81 -0.51 13.98 -18.13
C GLN A 81 -0.92 14.14 -16.66
N GLU A 82 -0.17 14.92 -15.90
CA GLU A 82 -0.49 15.12 -14.49
C GLU A 82 -1.88 15.74 -14.36
N TYR A 83 -2.70 15.16 -13.51
CA TYR A 83 -4.04 15.66 -13.23
C TYR A 83 -3.91 16.84 -12.29
N TYR A 84 -4.13 18.04 -12.85
CA TYR A 84 -3.90 19.31 -12.17
C TYR A 84 -2.52 19.30 -11.53
N GLU A 85 -2.44 19.62 -10.25
CA GLU A 85 -1.14 19.70 -9.60
C GLU A 85 -0.99 18.66 -8.52
N THR A 86 -1.71 17.54 -8.65
CA THR A 86 -1.72 16.54 -7.60
C THR A 86 -0.40 15.78 -7.43
N GLY A 87 0.37 15.61 -8.50
CA GLY A 87 1.62 14.85 -8.44
C GLY A 87 1.42 13.34 -8.41
N ALA A 88 0.28 12.90 -7.86
CA ALA A 88 -0.01 11.47 -7.72
C ALA A 88 -0.93 10.93 -8.81
N PHE A 89 -1.87 11.76 -9.29
CA PHE A 89 -2.88 11.29 -10.24
C PHE A 89 -2.56 11.72 -11.67
N TYR A 90 -2.87 10.85 -12.63
CA TYR A 90 -2.54 11.07 -14.05
C TYR A 90 -3.62 10.61 -15.03
N LEU A 91 -3.70 11.29 -16.16
CA LEU A 91 -4.41 10.79 -17.34
C LEU A 91 -3.41 10.05 -18.20
N VAL A 92 -3.85 8.98 -18.83
CA VAL A 92 -2.95 8.10 -19.56
C VAL A 92 -3.33 8.10 -21.04
N LYS A 93 -2.36 8.35 -21.91
CA LYS A 93 -2.55 8.32 -23.36
C LYS A 93 -1.49 7.44 -24.01
N PHE A 94 -1.78 6.88 -25.17
CA PHE A 94 -0.79 6.11 -25.93
C PHE A 94 -0.12 6.98 -26.96
N LYS A 95 1.20 6.82 -27.14
CA LYS A 95 1.94 7.74 -27.99
C LYS A 95 1.48 7.71 -29.44
N ARG A 96 1.82 6.65 -30.17
CA ARG A 96 1.32 6.56 -31.52
C ARG A 96 -0.05 5.90 -31.48
N ILE A 97 -0.18 4.79 -32.20
CA ILE A 97 -1.44 4.10 -32.41
C ILE A 97 -1.07 2.72 -32.94
N PRO A 98 -1.42 1.68 -32.19
CA PRO A 98 -0.83 0.35 -32.12
C PRO A 98 -1.42 -0.67 -33.07
N ARG A 99 -1.77 -0.12 -34.23
CA ARG A 99 -2.74 -0.68 -35.13
C ARG A 99 -3.98 -1.06 -34.33
N GLY A 100 -4.25 -2.36 -34.30
CA GLY A 100 -5.27 -2.86 -33.41
C GLY A 100 -4.57 -3.51 -32.23
N ASN A 101 -4.78 -2.96 -31.04
CA ASN A 101 -4.37 -3.59 -29.80
C ASN A 101 -5.62 -3.67 -28.92
N PRO A 102 -5.63 -4.55 -27.89
CA PRO A 102 -6.93 -4.79 -27.27
C PRO A 102 -7.28 -3.83 -26.10
N LEU A 103 -6.40 -2.87 -25.76
CA LEU A 103 -6.79 -1.86 -24.77
C LEU A 103 -7.58 -0.72 -25.43
N SER A 104 -7.82 -0.87 -26.73
CA SER A 104 -8.56 0.10 -27.53
C SER A 104 -10.02 0.25 -27.09
N HIS A 105 -10.56 -0.79 -26.46
CA HIS A 105 -11.95 -0.76 -26.00
C HIS A 105 -12.09 0.13 -24.77
N PHE A 106 -11.01 0.21 -24.01
CA PHE A 106 -10.98 0.95 -22.76
C PHE A 106 -10.65 2.42 -22.98
N LEU A 107 -10.58 2.82 -24.24
CA LEU A 107 -10.22 4.18 -24.56
C LEU A 107 -11.40 5.13 -24.49
N GLU A 108 -11.13 6.35 -24.05
CA GLU A 108 -12.02 7.47 -24.29
C GLU A 108 -11.37 8.32 -25.40
N GLY A 109 -11.57 7.90 -26.64
CA GLY A 109 -10.87 8.53 -27.75
C GLY A 109 -9.36 8.39 -27.63
N GLU A 110 -8.74 9.24 -26.83
CA GLU A 110 -7.29 9.24 -26.70
C GLU A 110 -6.81 8.87 -25.29
N VAL A 111 -7.71 8.92 -24.33
CA VAL A 111 -7.34 8.64 -22.94
C VAL A 111 -7.76 7.23 -22.48
N LEU A 112 -6.84 6.53 -21.82
CA LEU A 112 -7.11 5.20 -21.29
C LEU A 112 -7.88 5.26 -19.99
N SER A 113 -9.19 5.02 -20.05
CA SER A 113 -10.02 5.15 -18.86
C SER A 113 -9.69 4.12 -17.80
N ALA A 114 -9.28 4.60 -16.64
CA ALA A 114 -9.10 3.74 -15.49
C ALA A 114 -10.40 2.99 -15.18
N THR A 115 -11.54 3.67 -15.26
CA THR A 115 -12.80 3.03 -14.88
C THR A 115 -13.23 1.92 -15.83
N LYS A 116 -13.05 2.15 -17.14
CA LYS A 116 -13.40 1.12 -18.12
C LYS A 116 -12.55 -0.12 -17.92
N MET A 117 -11.25 0.08 -17.75
CA MET A 117 -10.33 -1.04 -17.71
C MET A 117 -10.51 -1.85 -16.42
N LEU A 118 -10.67 -1.16 -15.29
CA LEU A 118 -10.96 -1.80 -14.01
C LEU A 118 -12.28 -2.56 -14.05
N SER A 119 -13.27 -2.01 -14.75
CA SER A 119 -14.59 -2.64 -14.79
C SER A 119 -14.52 -3.99 -15.51
N LYS A 120 -13.79 -4.04 -16.62
CA LYS A 120 -13.66 -5.30 -17.34
C LYS A 120 -12.84 -6.28 -16.50
N PHE A 121 -11.79 -5.79 -15.85
CA PHE A 121 -10.95 -6.60 -14.96
C PHE A 121 -11.79 -7.20 -13.82
N ARG A 122 -12.63 -6.37 -13.21
CA ARG A 122 -13.53 -6.84 -12.16
C ARG A 122 -14.51 -7.87 -12.70
N LYS A 123 -15.05 -7.62 -13.88
CA LYS A 123 -16.03 -8.54 -14.44
C LYS A 123 -15.42 -9.91 -14.71
N ILE A 124 -14.17 -9.93 -15.16
CA ILE A 124 -13.49 -11.19 -15.43
C ILE A 124 -13.23 -11.95 -14.12
N ILE A 125 -12.87 -11.22 -13.08
CA ILE A 125 -12.64 -11.83 -11.78
C ILE A 125 -13.93 -12.39 -11.17
N LYS A 126 -15.01 -11.62 -11.24
CA LYS A 126 -16.31 -12.07 -10.70
C LYS A 126 -16.80 -13.35 -11.37
N GLU A 127 -16.62 -13.43 -12.68
CA GLU A 127 -17.03 -14.60 -13.44
C GLU A 127 -16.18 -15.83 -13.07
N GLU A 128 -14.87 -15.64 -12.91
CA GLU A 128 -14.02 -16.77 -12.53
C GLU A 128 -14.30 -17.24 -11.10
N VAL A 129 -14.61 -16.30 -10.20
CA VAL A 129 -14.92 -16.62 -8.81
C VAL A 129 -16.17 -17.48 -8.68
N LYS A 130 -17.20 -17.17 -9.45
CA LYS A 130 -18.43 -17.95 -9.44
C LYS A 130 -18.15 -19.41 -9.83
N GLU A 131 -17.07 -19.64 -10.55
CA GLU A 131 -16.74 -21.01 -10.97
C GLU A 131 -15.90 -21.78 -9.93
N ILE A 132 -15.51 -21.11 -8.86
CA ILE A 132 -14.78 -21.78 -7.78
C ILE A 132 -15.75 -22.49 -6.83
N LYS A 133 -15.58 -23.80 -6.68
CA LYS A 133 -16.54 -24.61 -5.93
C LYS A 133 -15.98 -25.26 -4.66
N ASP A 134 -14.65 -25.36 -4.55
CA ASP A 134 -14.04 -26.05 -3.41
C ASP A 134 -13.74 -25.09 -2.27
N ILE A 135 -13.84 -23.79 -2.56
CA ILE A 135 -13.49 -22.73 -1.63
C ILE A 135 -14.66 -21.75 -1.50
N ASP A 136 -14.96 -21.31 -0.28
CA ASP A 136 -15.97 -20.25 -0.08
C ASP A 136 -15.37 -18.87 -0.37
N VAL A 137 -15.64 -18.33 -1.55
CA VAL A 137 -15.07 -17.03 -1.90
C VAL A 137 -16.09 -16.22 -2.71
N SER A 138 -16.14 -14.93 -2.42
CA SER A 138 -17.06 -14.03 -3.09
C SER A 138 -16.34 -12.72 -3.35
N VAL A 139 -16.88 -11.92 -4.25
CA VAL A 139 -16.30 -10.62 -4.53
C VAL A 139 -17.06 -9.55 -3.76
N GLU A 140 -16.33 -8.74 -3.01
CA GLU A 140 -16.91 -7.66 -2.20
C GLU A 140 -17.56 -6.59 -3.08
N LYS A 141 -18.63 -5.97 -2.59
CA LYS A 141 -19.31 -4.90 -3.30
C LYS A 141 -18.31 -3.82 -3.74
N GLU A 142 -18.49 -3.30 -4.95
CA GLU A 142 -17.57 -2.32 -5.51
C GLU A 142 -17.52 -1.07 -4.65
N LYS A 143 -16.31 -0.58 -4.42
CA LYS A 143 -16.09 0.61 -3.63
C LYS A 143 -15.63 1.75 -4.53
N PRO A 144 -16.45 2.81 -4.64
CA PRO A 144 -16.13 3.94 -5.52
C PRO A 144 -14.74 4.52 -5.24
N GLY A 145 -13.98 4.78 -6.31
CA GLY A 145 -12.66 5.32 -6.18
C GLY A 145 -11.64 4.35 -5.60
N SER A 146 -11.94 3.06 -5.65
CA SER A 146 -10.97 2.04 -5.20
C SER A 146 -10.32 1.36 -6.40
N PRO A 147 -8.99 1.15 -6.37
CA PRO A 147 -8.38 0.41 -7.47
C PRO A 147 -8.51 -1.13 -7.35
N ALA A 148 -9.02 -1.62 -6.24
CA ALA A 148 -8.94 -3.05 -5.95
C ALA A 148 -10.20 -3.81 -6.33
N VAL A 149 -10.03 -5.07 -6.71
CA VAL A 149 -11.14 -6.01 -6.72
C VAL A 149 -10.93 -6.84 -5.46
N THR A 150 -11.87 -6.79 -4.53
CA THR A 150 -11.59 -7.41 -3.25
C THR A 150 -12.36 -8.70 -3.14
N LEU A 151 -11.62 -9.77 -2.87
CA LEU A 151 -12.20 -11.08 -2.61
C LEU A 151 -12.41 -11.27 -1.12
N LEU A 152 -13.49 -11.99 -0.78
CA LEU A 152 -13.77 -12.37 0.58
C LEU A 152 -13.76 -13.88 0.67
N ILE A 153 -12.77 -14.42 1.36
CA ILE A 153 -12.63 -15.86 1.55
C ILE A 153 -13.05 -16.25 2.97
N ARG A 154 -13.83 -17.32 3.08
CA ARG A 154 -14.12 -17.91 4.37
C ARG A 154 -13.44 -19.28 4.44
N ASN A 155 -12.42 -19.38 5.27
CA ASN A 155 -11.49 -20.50 5.27
C ASN A 155 -11.59 -21.59 6.37
N PRO A 156 -12.53 -21.49 7.35
CA PRO A 156 -13.71 -20.66 7.60
C PRO A 156 -13.41 -19.25 8.11
N GLU A 157 -12.20 -19.01 8.59
CA GLU A 157 -11.79 -17.69 9.01
C GLU A 157 -11.90 -16.69 7.85
N GLU A 158 -12.30 -15.46 8.16
CA GLU A 158 -12.48 -14.42 7.15
C GLU A 158 -11.14 -13.86 6.69
N ILE A 159 -10.88 -14.02 5.39
CA ILE A 159 -9.65 -13.53 4.76
C ILE A 159 -10.00 -12.63 3.59
N SER A 160 -9.40 -11.45 3.52
CA SER A 160 -9.64 -10.61 2.35
C SER A 160 -8.39 -10.54 1.46
N VAL A 161 -8.63 -10.64 0.16
CA VAL A 161 -7.58 -10.50 -0.83
C VAL A 161 -7.90 -9.33 -1.77
N ASP A 162 -7.03 -8.32 -1.78
CA ASP A 162 -7.18 -7.23 -2.74
C ASP A 162 -6.39 -7.52 -4.01
N ILE A 163 -7.10 -7.71 -5.11
CA ILE A 163 -6.42 -7.81 -6.40
C ILE A 163 -6.38 -6.45 -7.09
N ILE A 164 -5.18 -5.99 -7.38
CA ILE A 164 -4.97 -4.64 -7.89
C ILE A 164 -4.34 -4.68 -9.26
N LEU A 165 -5.09 -4.25 -10.26
CA LEU A 165 -4.54 -4.10 -11.59
C LEU A 165 -3.52 -2.96 -11.59
N ALA A 166 -2.35 -3.19 -12.21
CA ALA A 166 -1.40 -2.09 -12.35
C ALA A 166 -0.82 -2.04 -13.76
N LEU A 167 -0.69 -0.83 -14.27
CA LEU A 167 0.04 -0.59 -15.51
C LEU A 167 1.50 -0.46 -15.16
N GLU A 168 2.34 -1.17 -15.89
CA GLU A 168 3.77 -1.10 -15.68
C GLU A 168 4.42 -0.26 -16.76
N SER A 169 5.20 0.74 -16.33
CA SER A 169 5.95 1.54 -17.29
C SER A 169 7.44 1.55 -16.95
N LYS A 170 8.28 1.24 -17.93
CA LYS A 170 9.73 1.19 -17.75
C LYS A 170 10.46 2.52 -17.94
N GLY A 171 9.72 3.58 -18.26
CA GLY A 171 10.37 4.88 -18.43
C GLY A 171 10.86 5.47 -17.11
N SER A 172 11.52 6.62 -17.17
CA SER A 172 11.88 7.36 -15.96
C SER A 172 10.63 7.73 -15.16
N TRP A 173 10.74 7.78 -13.84
CA TRP A 173 9.63 8.13 -12.97
C TRP A 173 9.17 9.58 -13.15
N PRO A 174 7.86 9.85 -12.99
CA PRO A 174 7.35 11.23 -13.17
C PRO A 174 8.08 12.24 -12.30
N ILE A 175 8.23 13.47 -12.78
CA ILE A 175 9.12 14.41 -12.09
C ILE A 175 8.61 14.78 -10.70
N SER A 176 7.31 14.58 -10.43
CA SER A 176 6.80 14.85 -9.09
C SER A 176 7.52 13.98 -8.04
N THR A 177 8.20 12.92 -8.47
CA THR A 177 8.91 12.02 -7.55
C THR A 177 10.40 12.39 -7.45
N LYS A 178 10.83 13.42 -8.18
CA LYS A 178 12.27 13.66 -8.37
C LYS A 178 12.97 13.94 -7.04
N GLU A 179 12.27 14.62 -6.13
CA GLU A 179 12.84 14.90 -4.83
C GLU A 179 12.21 14.05 -3.72
N GLY A 180 11.56 12.95 -4.10
CA GLY A 180 11.04 12.01 -3.12
C GLY A 180 12.07 10.92 -2.84
N LEU A 181 11.66 9.87 -2.10
CA LEU A 181 12.54 8.77 -1.73
C LEU A 181 13.88 9.30 -1.18
N PRO A 182 13.83 10.05 -0.05
CA PRO A 182 15.04 10.73 0.44
C PRO A 182 15.92 9.81 1.31
N ILE A 183 16.43 8.74 0.71
CA ILE A 183 17.07 7.68 1.47
C ILE A 183 18.61 7.77 1.39
N GLN A 184 19.13 8.89 0.86
CA GLN A 184 20.57 8.99 0.54
C GLN A 184 21.49 8.89 1.77
N GLY A 185 21.02 9.33 2.94
CA GLY A 185 21.83 9.23 4.15
C GLY A 185 21.60 7.95 4.95
N TRP A 186 20.69 7.12 4.47
CA TRP A 186 20.22 5.94 5.18
C TRP A 186 20.57 4.69 4.37
N LEU A 187 19.89 4.53 3.24
CA LEU A 187 20.16 3.39 2.37
C LEU A 187 21.17 3.72 1.26
N GLY A 188 21.28 4.99 0.91
CA GLY A 188 22.36 5.43 0.05
C GLY A 188 21.95 5.73 -1.36
N THR A 189 22.89 6.30 -2.10
CA THR A 189 22.64 6.81 -3.45
C THR A 189 22.62 5.70 -4.47
N LYS A 190 23.47 4.68 -4.29
CA LYS A 190 23.43 3.54 -5.20
C LYS A 190 22.05 2.84 -5.10
N VAL A 191 21.54 2.61 -3.89
CA VAL A 191 20.20 2.02 -3.73
C VAL A 191 19.14 2.94 -4.35
N ARG A 192 19.18 4.24 -4.05
CA ARG A 192 18.14 5.13 -4.55
C ARG A 192 18.11 5.11 -6.08
N THR A 193 19.30 5.21 -6.68
CA THR A 193 19.42 5.19 -8.12
C THR A 193 18.91 3.88 -8.71
N ASN A 194 19.30 2.75 -8.13
CA ASN A 194 18.84 1.46 -8.62
C ASN A 194 17.32 1.27 -8.44
N LEU A 195 16.77 1.77 -7.34
CA LEU A 195 15.32 1.66 -7.13
C LEU A 195 14.56 2.47 -8.18
N ARG A 196 15.14 3.59 -8.61
CA ARG A 196 14.47 4.50 -9.53
C ARG A 196 14.65 4.07 -10.99
N ARG A 197 15.51 3.08 -11.23
CA ARG A 197 15.64 2.48 -12.56
C ARG A 197 14.65 1.31 -12.74
N GLU A 198 13.98 0.94 -11.66
CA GLU A 198 12.92 -0.06 -11.74
C GLU A 198 11.70 0.60 -12.37
N PRO A 199 10.80 -0.20 -12.93
CA PRO A 199 9.55 0.37 -13.48
C PRO A 199 8.75 1.14 -12.43
N PHE A 200 7.85 2.02 -12.88
CA PHE A 200 6.86 2.54 -11.95
C PHE A 200 5.47 2.04 -12.34
N TYR A 201 4.51 2.19 -11.44
CA TYR A 201 3.21 1.58 -11.64
C TYR A 201 2.09 2.57 -11.51
N LEU A 202 1.05 2.37 -12.31
CA LEU A 202 -0.19 3.11 -12.19
C LEU A 202 -1.34 2.14 -11.83
N VAL A 203 -2.11 2.50 -10.81
CA VAL A 203 -3.27 1.70 -10.44
C VAL A 203 -4.54 2.52 -10.62
N PRO A 204 -5.68 1.86 -10.89
CA PRO A 204 -6.88 2.62 -11.23
C PRO A 204 -7.62 3.17 -10.02
N LYS A 205 -6.92 3.90 -9.16
CA LYS A 205 -7.62 4.68 -8.16
C LYS A 205 -7.89 6.04 -8.75
N ASN A 206 -9.15 6.42 -8.81
CA ASN A 206 -9.53 7.71 -9.40
C ASN A 206 -9.29 8.84 -8.43
N ALA A 207 -8.82 9.97 -8.95
CA ALA A 207 -8.74 11.19 -8.17
C ALA A 207 -10.14 11.64 -7.80
N LYS A 208 -10.33 12.12 -6.57
CA LYS A 208 -11.60 12.74 -6.21
C LYS A 208 -11.46 14.26 -6.31
N ASP A 209 -12.20 14.91 -7.21
CA ASP A 209 -12.07 16.36 -7.36
C ASP A 209 -13.04 17.09 -6.42
N GLY A 210 -14.29 16.62 -6.38
CA GLY A 210 -15.29 17.20 -5.51
C GLY A 210 -16.10 16.13 -4.82
N ASN A 211 -17.37 16.04 -5.21
CA ASN A 211 -18.26 15.04 -4.64
C ASN A 211 -18.27 13.76 -5.47
N SER A 212 -17.50 13.78 -6.56
CA SER A 212 -17.42 12.65 -7.47
C SER A 212 -15.97 12.25 -7.70
N PHE A 213 -15.75 11.28 -8.57
CA PHE A 213 -14.40 10.91 -8.96
C PHE A 213 -14.15 11.25 -10.42
N GLN A 214 -12.89 11.49 -10.78
CA GLN A 214 -12.53 11.63 -12.18
C GLN A 214 -12.26 10.24 -12.73
N GLY A 215 -13.23 9.75 -13.51
CA GLY A 215 -13.27 8.35 -13.91
C GLY A 215 -12.07 7.80 -14.64
N GLU A 216 -11.35 8.67 -15.34
CA GLU A 216 -10.27 8.20 -16.20
C GLU A 216 -8.90 8.25 -15.55
N THR A 217 -8.79 8.90 -14.38
CA THR A 217 -7.49 9.07 -13.73
C THR A 217 -6.93 7.80 -13.09
N TRP A 218 -5.61 7.69 -13.13
CA TRP A 218 -4.87 6.62 -12.49
C TRP A 218 -4.00 7.23 -11.41
N ARG A 219 -3.48 6.41 -10.51
CA ARG A 219 -2.63 6.91 -9.43
C ARG A 219 -1.32 6.14 -9.38
N LEU A 220 -0.23 6.83 -9.10
CA LEU A 220 1.05 6.16 -8.91
C LEU A 220 0.99 5.19 -7.73
N SER A 221 1.79 4.13 -7.83
CA SER A 221 1.96 3.17 -6.76
C SER A 221 3.43 2.79 -6.62
N PHE A 222 3.95 2.78 -5.41
CA PHE A 222 5.33 2.33 -5.18
C PHE A 222 5.36 1.15 -4.24
N SER A 223 4.29 0.36 -4.28
CA SER A 223 4.23 -0.86 -3.49
C SER A 223 5.45 -1.78 -3.65
N HIS A 224 6.01 -1.88 -4.86
CA HIS A 224 7.23 -2.70 -5.06
C HIS A 224 8.42 -2.07 -4.35
N THR A 225 8.51 -0.75 -4.41
CA THR A 225 9.66 -0.07 -3.83
C THR A 225 9.60 -0.15 -2.31
N GLU A 226 8.39 0.00 -1.77
CA GLU A 226 8.19 -0.04 -0.34
C GLU A 226 8.52 -1.43 0.19
N LYS A 227 8.19 -2.46 -0.58
CA LYS A 227 8.43 -3.84 -0.17
C LYS A 227 9.93 -4.09 -0.10
N TYR A 228 10.66 -3.60 -1.10
CA TYR A 228 12.11 -3.71 -1.10
C TYR A 228 12.71 -3.07 0.15
N ILE A 229 12.26 -1.84 0.44
CA ILE A 229 12.80 -1.07 1.57
C ILE A 229 12.54 -1.80 2.89
N LEU A 230 11.34 -2.35 3.05
CA LEU A 230 11.05 -3.08 4.29
C LEU A 230 11.95 -4.33 4.49
N ASN A 231 12.26 -5.02 3.40
CA ASN A 231 13.18 -6.16 3.43
C ASN A 231 14.67 -5.75 3.48
N ASN A 232 14.96 -4.48 3.20
CA ASN A 232 16.34 -3.94 3.13
C ASN A 232 16.46 -2.60 3.83
N HIS A 233 16.23 -2.59 5.13
CA HIS A 233 15.85 -1.37 5.84
C HIS A 233 16.94 -0.80 6.71
N GLY A 234 18.11 -1.44 6.73
CA GLY A 234 19.19 -1.02 7.60
C GLY A 234 20.22 -0.14 6.91
N ILE A 235 20.90 0.71 7.67
CA ILE A 235 22.07 1.37 7.12
C ILE A 235 23.19 0.32 6.96
N GLU A 236 23.27 -0.65 7.87
CA GLU A 236 24.21 -1.75 7.68
C GLU A 236 23.56 -2.86 6.86
N LYS A 237 24.34 -3.45 5.95
CA LYS A 237 23.82 -4.50 5.06
C LYS A 237 23.37 -5.78 5.81
N THR A 238 23.93 -5.99 6.99
CA THR A 238 23.58 -7.17 7.79
C THR A 238 22.41 -6.97 8.78
N CYS A 239 21.78 -5.79 8.78
CA CYS A 239 20.65 -5.54 9.68
C CYS A 239 19.57 -6.62 9.56
N CYS A 240 19.26 -7.23 10.70
CA CYS A 240 18.28 -8.31 10.82
C CYS A 240 18.62 -9.58 10.03
N GLU A 241 19.87 -9.73 9.60
CA GLU A 241 20.29 -10.99 8.97
C GLU A 241 20.87 -11.97 9.98
N SER A 242 21.16 -13.20 9.58
CA SER A 242 21.63 -14.19 10.57
C SER A 242 23.05 -13.90 11.10
N SER A 243 23.84 -13.12 10.37
CA SER A 243 25.18 -12.74 10.88
C SER A 243 25.25 -11.24 11.17
N GLY A 244 24.10 -10.64 11.46
CA GLY A 244 24.03 -9.24 11.84
C GLY A 244 23.19 -9.07 13.10
N ALA A 245 22.78 -7.83 13.37
CA ALA A 245 22.01 -7.52 14.58
C ALA A 245 20.57 -7.20 14.24
N LYS A 246 19.64 -7.76 15.02
CA LYS A 246 18.21 -7.42 14.98
C LYS A 246 18.00 -5.96 15.36
N CYS A 247 17.14 -5.28 14.61
CA CYS A 247 16.67 -3.93 14.99
C CYS A 247 15.19 -3.98 15.32
N CYS A 248 14.62 -2.88 15.82
CA CYS A 248 13.18 -2.85 16.15
C CYS A 248 12.33 -2.00 15.19
N ARG A 249 12.88 -1.64 14.03
CA ARG A 249 12.11 -0.84 13.06
C ARG A 249 10.73 -1.44 12.73
N LYS A 250 10.70 -2.72 12.37
CA LYS A 250 9.45 -3.33 11.97
C LYS A 250 8.49 -3.50 13.16
N GLU A 251 9.05 -3.75 14.35
CA GLU A 251 8.22 -3.87 15.54
C GLU A 251 7.53 -2.54 15.86
N CYS A 252 8.24 -1.44 15.66
CA CYS A 252 7.68 -0.11 15.85
C CYS A 252 6.54 0.15 14.87
N LEU A 253 6.73 -0.26 13.63
CA LEU A 253 5.67 -0.16 12.65
C LEU A 253 4.44 -0.97 13.08
N LYS A 254 4.66 -2.19 13.57
CA LYS A 254 3.52 -3.01 14.02
C LYS A 254 2.76 -2.38 15.17
N LEU A 255 3.47 -1.82 16.14
CA LEU A 255 2.80 -1.22 17.28
C LEU A 255 1.97 -0.02 16.87
N MET A 256 2.49 0.78 15.94
CA MET A 256 1.74 1.94 15.46
C MET A 256 0.51 1.50 14.64
N LYS A 257 0.67 0.49 13.79
CA LYS A 257 -0.47 -0.07 13.06
C LYS A 257 -1.54 -0.56 14.01
N TYR A 258 -1.10 -1.18 15.10
CA TYR A 258 -2.01 -1.73 16.08
C TYR A 258 -2.79 -0.63 16.80
N LEU A 259 -2.08 0.39 17.25
CA LEU A 259 -2.69 1.53 17.93
C LEU A 259 -3.78 2.16 17.05
N LEU A 260 -3.46 2.42 15.79
CA LEU A 260 -4.42 2.99 14.87
C LEU A 260 -5.60 2.07 14.61
N GLU A 261 -5.32 0.78 14.49
CA GLU A 261 -6.40 -0.14 14.13
C GLU A 261 -7.37 -0.29 15.29
N GLN A 262 -6.83 -0.33 16.51
CA GLN A 262 -7.66 -0.45 17.70
C GLN A 262 -8.53 0.81 17.85
N LEU A 263 -7.97 1.95 17.51
CA LEU A 263 -8.72 3.20 17.59
C LEU A 263 -9.81 3.29 16.52
N LYS A 264 -9.47 2.91 15.30
CA LYS A 264 -10.40 2.97 14.17
C LYS A 264 -11.59 2.06 14.40
N LYS A 265 -11.34 0.93 15.05
CA LYS A 265 -12.35 -0.09 15.21
C LYS A 265 -13.46 0.35 16.18
N GLU A 266 -13.17 1.30 17.06
CA GLU A 266 -14.21 1.80 17.97
C GLU A 266 -14.63 3.27 17.75
N PHE A 267 -13.97 3.98 16.84
CA PHE A 267 -14.38 5.35 16.53
C PHE A 267 -14.52 5.56 15.03
N GLN A 268 -15.75 5.76 14.55
CA GLN A 268 -15.94 5.91 13.11
C GLN A 268 -15.54 7.30 12.63
N GLU A 269 -15.28 8.21 13.57
CA GLU A 269 -14.69 9.51 13.26
C GLU A 269 -13.29 9.37 12.66
N LEU A 270 -12.76 8.15 12.67
CA LEU A 270 -11.41 7.91 12.18
C LEU A 270 -11.38 7.20 10.83
N ASP A 271 -12.54 7.09 10.18
CA ASP A 271 -12.63 6.33 8.92
C ASP A 271 -11.68 6.87 7.85
N ALA A 272 -11.28 8.13 7.97
CA ALA A 272 -10.41 8.72 6.96
C ALA A 272 -8.95 8.27 7.09
N PHE A 273 -8.58 7.71 8.23
CA PHE A 273 -7.19 7.28 8.41
C PHE A 273 -6.99 5.84 8.00
N CYS A 274 -5.75 5.48 7.69
CA CYS A 274 -5.45 4.10 7.38
C CYS A 274 -3.98 3.79 7.63
N SER A 275 -3.63 2.53 7.46
CA SER A 275 -2.27 2.08 7.77
C SER A 275 -1.22 2.82 6.93
N TYR A 276 -1.58 3.21 5.70
CA TYR A 276 -0.60 3.91 4.85
C TYR A 276 -0.10 5.20 5.48
N HIS A 277 -0.95 5.89 6.23
CA HIS A 277 -0.52 7.11 6.92
C HIS A 277 0.56 6.76 7.93
N VAL A 278 0.34 5.67 8.65
CA VAL A 278 1.35 5.21 9.61
C VAL A 278 2.63 4.75 8.92
N LYS A 279 2.50 4.05 7.80
CA LYS A 279 3.67 3.56 7.08
C LYS A 279 4.48 4.76 6.58
N THR A 280 3.78 5.78 6.07
CA THR A 280 4.45 6.98 5.56
C THR A 280 5.20 7.71 6.66
N ALA A 281 4.56 7.80 7.83
CA ALA A 281 5.20 8.43 8.97
C ALA A 281 6.51 7.73 9.35
N ILE A 282 6.47 6.40 9.43
CA ILE A 282 7.69 5.73 9.89
C ILE A 282 8.76 5.74 8.81
N PHE A 283 8.36 5.84 7.54
CA PHE A 283 9.38 6.00 6.48
C PHE A 283 10.15 7.27 6.73
N HIS A 284 9.43 8.33 7.13
CA HIS A 284 10.07 9.61 7.42
C HIS A 284 10.96 9.50 8.67
N MET A 285 10.51 8.70 9.64
CA MET A 285 11.28 8.48 10.87
C MET A 285 12.57 7.76 10.56
N TRP A 286 12.50 6.77 9.67
CA TRP A 286 13.71 6.02 9.33
C TRP A 286 14.72 6.88 8.58
N THR A 287 14.22 7.93 7.92
CA THR A 287 15.06 8.85 7.20
C THR A 287 15.71 9.83 8.18
N GLN A 288 14.91 10.24 9.15
CA GLN A 288 15.35 11.15 10.19
C GLN A 288 16.38 10.49 11.12
N ASP A 289 16.17 9.22 11.47
CA ASP A 289 17.06 8.47 12.37
C ASP A 289 17.58 7.23 11.65
N PRO A 290 18.60 7.39 10.78
CA PRO A 290 19.03 6.30 9.89
C PRO A 290 19.91 5.26 10.54
N GLN A 291 20.58 5.60 11.65
CA GLN A 291 21.53 4.66 12.26
C GLN A 291 20.84 3.44 12.88
N ASP A 292 21.40 2.26 12.66
CA ASP A 292 20.78 1.04 13.18
C ASP A 292 20.79 1.09 14.70
N SER A 293 21.83 1.71 15.23
CA SER A 293 21.98 1.88 16.68
C SER A 293 20.80 2.65 17.26
N GLN A 294 20.12 3.45 16.45
CA GLN A 294 18.97 4.21 16.94
C GLN A 294 17.73 3.33 17.04
N TRP A 295 17.82 2.13 16.47
CA TRP A 295 16.69 1.21 16.52
C TRP A 295 17.09 -0.11 17.14
N ASP A 296 17.98 -0.06 18.13
CA ASP A 296 18.32 -1.24 18.89
C ASP A 296 17.05 -1.73 19.62
N PRO A 297 16.81 -3.05 19.65
CA PRO A 297 15.61 -3.57 20.33
C PRO A 297 15.51 -3.13 21.79
N ARG A 298 16.64 -2.84 22.44
CA ARG A 298 16.59 -2.36 23.81
C ARG A 298 15.99 -0.95 23.91
N ASN A 299 15.87 -0.27 22.77
CA ASN A 299 15.34 1.10 22.73
C ASN A 299 13.90 1.18 22.20
N LEU A 300 13.26 0.03 22.08
CA LEU A 300 11.93 -0.07 21.48
C LEU A 300 10.93 0.97 22.01
N SER A 301 10.85 1.08 23.33
CA SER A 301 9.91 2.02 23.96
C SER A 301 10.13 3.47 23.51
N SER A 302 11.39 3.87 23.41
CA SER A 302 11.72 5.23 23.04
C SER A 302 11.55 5.45 21.54
N CYS A 303 11.74 4.38 20.75
CA CYS A 303 11.51 4.49 19.30
C CYS A 303 10.03 4.64 18.98
N PHE A 304 9.22 3.84 19.66
CA PHE A 304 7.78 3.92 19.49
C PHE A 304 7.27 5.29 19.91
N ASP A 305 7.77 5.78 21.03
CA ASP A 305 7.37 7.10 21.52
C ASP A 305 7.76 8.21 20.54
N LYS A 306 8.97 8.13 19.98
CA LYS A 306 9.40 9.15 19.02
C LYS A 306 8.58 9.11 17.74
N LEU A 307 8.22 7.91 17.31
CA LEU A 307 7.29 7.74 16.21
C LEU A 307 5.94 8.40 16.52
N LEU A 308 5.43 8.15 17.73
CA LEU A 308 4.20 8.79 18.21
C LEU A 308 4.29 10.32 18.23
N ALA A 309 5.37 10.84 18.81
CA ALA A 309 5.56 12.29 18.84
C ALA A 309 5.54 12.83 17.43
N PHE A 310 6.26 12.17 16.53
CA PHE A 310 6.33 12.63 15.15
C PHE A 310 4.96 12.61 14.49
N PHE A 311 4.23 11.52 14.67
CA PHE A 311 2.90 11.38 14.08
C PHE A 311 1.94 12.46 14.61
N LEU A 312 2.03 12.74 15.90
CA LEU A 312 1.21 13.80 16.50
C LEU A 312 1.56 15.18 15.92
N GLU A 313 2.83 15.40 15.59
CA GLU A 313 3.21 16.69 15.03
C GLU A 313 2.71 16.83 13.60
N CYS A 314 2.65 15.73 12.87
CA CYS A 314 2.06 15.73 11.54
C CYS A 314 0.57 16.09 11.59
N LEU A 315 -0.16 15.48 12.53
CA LEU A 315 -1.58 15.77 12.73
C LEU A 315 -1.78 17.25 13.06
N ARG A 316 -1.04 17.74 14.05
CA ARG A 316 -1.16 19.12 14.49
C ARG A 316 -0.95 20.10 13.34
N THR A 317 0.08 19.85 12.55
CA THR A 317 0.48 20.77 11.49
C THR A 317 -0.21 20.47 10.16
N GLU A 318 -1.08 19.46 10.16
CA GLU A 318 -1.87 19.11 8.98
C GLU A 318 -1.00 18.84 7.77
N LYS A 319 0.12 18.15 7.98
CA LYS A 319 1.06 17.87 6.91
C LYS A 319 1.76 16.53 7.13
N LEU A 320 1.51 15.63 6.20
CA LEU A 320 2.25 14.38 6.08
C LEU A 320 2.62 14.18 4.62
N ASP A 321 3.85 14.55 4.27
CA ASP A 321 4.30 14.43 2.88
C ASP A 321 4.34 12.97 2.44
N HIS A 322 3.74 12.66 1.30
CA HIS A 322 3.95 11.36 0.69
C HIS A 322 5.45 11.13 0.55
N TYR A 323 5.94 9.92 0.86
CA TYR A 323 7.37 9.69 0.95
C TYR A 323 8.04 9.77 -0.42
N PHE A 324 7.29 9.43 -1.46
CA PHE A 324 7.79 9.39 -2.83
C PHE A 324 7.45 10.65 -3.62
N ILE A 325 6.38 11.34 -3.20
CA ILE A 325 5.87 12.50 -3.90
C ILE A 325 5.67 13.60 -2.88
N PRO A 326 6.71 14.41 -2.64
CA PRO A 326 6.71 15.36 -1.55
C PRO A 326 5.61 16.42 -1.66
N LYS A 327 5.15 16.76 -2.87
CA LYS A 327 4.04 17.72 -3.10
C LYS A 327 2.71 17.25 -2.57
N PHE A 328 2.56 15.94 -2.48
CA PHE A 328 1.28 15.32 -2.11
C PHE A 328 1.16 15.21 -0.59
N ASN A 329 0.27 16.01 -0.01
CA ASN A 329 0.06 15.99 1.43
C ASN A 329 -1.10 15.09 1.79
N LEU A 330 -0.78 13.97 2.41
CA LEU A 330 -1.78 12.99 2.82
C LEU A 330 -2.75 13.56 3.89
N PHE A 331 -2.31 14.58 4.62
CA PHE A 331 -3.09 15.20 5.69
C PHE A 331 -3.63 16.58 5.32
N SER A 332 -3.82 16.84 4.05
CA SER A 332 -4.40 18.09 3.64
C SER A 332 -5.86 18.15 4.03
N GLN A 333 -6.37 19.37 4.17
CA GLN A 333 -7.77 19.54 4.46
C GLN A 333 -8.67 18.86 3.46
N GLU A 334 -8.27 18.88 2.21
CA GLU A 334 -9.09 18.28 1.17
C GLU A 334 -9.33 16.81 1.40
N LEU A 335 -8.36 16.15 2.03
CA LEU A 335 -8.42 14.71 2.18
C LEU A 335 -8.91 14.27 3.52
N ILE A 336 -8.52 14.99 4.54
CA ILE A 336 -8.92 14.72 5.92
C ILE A 336 -9.24 16.01 6.63
N ASP A 337 -10.40 16.06 7.28
CA ASP A 337 -10.85 17.27 7.96
C ASP A 337 -10.06 17.55 9.23
N ARG A 338 -9.89 18.84 9.53
CA ARG A 338 -9.29 19.31 10.77
C ARG A 338 -9.82 18.52 11.95
N LYS A 339 -11.14 18.54 12.11
CA LYS A 339 -11.87 17.83 13.16
C LYS A 339 -11.42 16.39 13.32
N SER A 340 -11.24 15.69 12.20
CA SER A 340 -10.76 14.30 12.22
C SER A 340 -9.35 14.19 12.76
N LYS A 341 -8.50 15.13 12.39
CA LYS A 341 -7.10 15.09 12.81
C LYS A 341 -6.97 15.45 14.30
N GLU A 342 -7.79 16.38 14.78
CA GLU A 342 -7.76 16.74 16.21
C GLU A 342 -8.37 15.66 17.09
N PHE A 343 -9.33 14.92 16.56
CA PHE A 343 -9.94 13.81 17.28
C PHE A 343 -8.91 12.72 17.51
N LEU A 344 -8.19 12.37 16.43
CA LEU A 344 -7.17 11.34 16.49
C LEU A 344 -6.03 11.79 17.38
N SER A 345 -5.72 13.09 17.36
CA SER A 345 -4.67 13.65 18.20
C SER A 345 -5.00 13.46 19.68
N LYS A 346 -6.23 13.76 20.07
CA LYS A 346 -6.63 13.63 21.47
C LYS A 346 -6.66 12.17 21.93
N LYS A 347 -7.05 11.27 21.03
CA LYS A 347 -7.11 9.86 21.36
C LYS A 347 -5.70 9.27 21.52
N ILE A 348 -4.78 9.64 20.62
CA ILE A 348 -3.42 9.13 20.72
C ILE A 348 -2.75 9.65 21.98
N GLU A 349 -2.91 10.93 22.27
CA GLU A 349 -2.32 11.54 23.46
C GLU A 349 -2.80 10.84 24.74
N TYR A 350 -4.09 10.53 24.79
CA TYR A 350 -4.65 9.85 25.96
C TYR A 350 -4.01 8.48 26.17
N GLU A 351 -3.93 7.70 25.08
CA GLU A 351 -3.32 6.37 25.14
C GLU A 351 -1.86 6.48 25.54
N ARG A 352 -1.24 7.57 25.11
CA ARG A 352 0.18 7.81 25.35
C ARG A 352 0.47 8.07 26.82
N ASN A 353 -0.45 8.74 27.50
CA ASN A 353 -0.23 9.16 28.88
C ASN A 353 -0.83 8.20 29.89
N ASN A 354 -1.52 7.18 29.40
CA ASN A 354 -2.21 6.24 30.27
C ASN A 354 -1.68 4.82 30.11
N GLY A 355 -0.54 4.70 29.43
CA GLY A 355 0.11 3.41 29.25
C GLY A 355 -0.58 2.52 28.23
N PHE A 356 -1.27 3.14 27.28
CA PHE A 356 -1.95 2.43 26.20
C PHE A 356 -2.89 1.33 26.69
N PRO A 357 -3.96 1.72 27.40
CA PRO A 357 -4.92 0.70 27.83
C PRO A 357 -5.59 0.00 26.66
N ILE A 358 -5.66 0.67 25.51
CA ILE A 358 -6.38 0.13 24.37
C ILE A 358 -5.66 -1.06 23.74
N PHE A 359 -4.38 -1.22 24.08
CA PHE A 359 -3.65 -2.44 23.70
C PHE A 359 -4.26 -3.71 24.34
N ASP A 360 -5.40 -3.56 25.02
CA ASP A 360 -6.20 -4.66 25.56
C ASP A 360 -7.65 -4.56 25.10
#